data_5ODL
#
_entry.id   5ODL
#
_cell.length_a   43.489
_cell.length_b   43.489
_cell.length_c   179.106
_cell.angle_alpha   90.00
_cell.angle_beta   90.00
_cell.angle_gamma   120.00
#
_symmetry.space_group_name_H-M   'P 61'
#
loop_
_entity.id
_entity.type
_entity.pdbx_description
1 polymer 'single-stranded DNA-binding protein'
2 polymer oligo(T)
3 non-polymer GLYCEROL
4 non-polymer 'SODIUM ION'
5 water water
#
loop_
_entity_poly.entity_id
_entity_poly.type
_entity_poly.pdbx_seq_one_letter_code
_entity_poly.pdbx_strand_id
1 'polypeptide(L)'
;GLAEKLVPAKKVKNGVLYKSGHIKVSNVRCSYPHLDKPYGGEDGGEPKYSITLLMPKDTHGAIKKIIDEQIELTKKNHKT
GALKVAPSMLFIKDGDVDFPDKPECEGMWVISARESTRPDVLNMEREELESPNEIAEEIYGGCWVSSVIRPWSQENKYGK
RINANLLSVLKRKDDEPFGE
;
A
2 'polydeoxyribonucleotide' (DT)(DT)(DT)(DT)(DT)(DT)(DT)(DT)(DT) D
#
# COMPACT_ATOMS: atom_id res chain seq x y z
N ALA A 3 12.10 -9.83 3.10
CA ALA A 3 12.26 -10.21 4.53
C ALA A 3 11.93 -9.04 5.46
N GLU A 4 11.27 -9.36 6.58
CA GLU A 4 11.13 -8.42 7.67
C GLU A 4 12.42 -8.52 8.52
N LYS A 5 13.44 -7.82 8.04
CA LYS A 5 14.74 -7.67 8.71
C LYS A 5 14.91 -6.16 8.97
N LEU A 6 13.85 -5.59 9.52
CA LEU A 6 13.69 -4.17 9.75
C LEU A 6 13.58 -3.93 11.25
N VAL A 7 13.84 -2.70 11.69
CA VAL A 7 13.94 -2.42 13.12
C VAL A 7 12.79 -1.50 13.49
N PRO A 8 11.85 -1.95 14.36
CA PRO A 8 10.74 -1.06 14.69
C PRO A 8 11.15 0.23 15.42
N ALA A 9 10.51 1.33 15.01
CA ALA A 9 10.63 2.61 15.68
C ALA A 9 9.44 2.81 16.61
N LYS A 10 8.25 2.58 16.10
CA LYS A 10 7.01 2.78 16.83
C LYS A 10 6.00 1.70 16.40
N LYS A 11 5.39 1.07 17.38
CA LYS A 11 4.33 0.08 17.17
C LYS A 11 3.02 0.70 17.64
N VAL A 12 1.96 0.50 16.86
CA VAL A 12 0.62 0.94 17.22
C VAL A 12 -0.36 -0.16 16.88
N LYS A 13 -1.62 0.04 17.23
CA LYS A 13 -2.65 -0.86 16.79
C LYS A 13 -2.62 -0.96 15.27
N ASN A 14 -2.57 -2.17 14.76
CA ASN A 14 -2.63 -2.45 13.32
C ASN A 14 -1.49 -1.86 12.49
N GLY A 15 -0.35 -1.58 13.12
CA GLY A 15 0.81 -1.19 12.32
C GLY A 15 2.10 -0.95 13.03
N VAL A 16 3.15 -0.87 12.21
CA VAL A 16 4.50 -0.60 12.69
C VAL A 16 5.21 0.40 11.77
N LEU A 17 5.81 1.42 12.38
CA LEU A 17 6.80 2.30 11.71
C LEU A 17 8.18 1.73 12.02
N TYR A 18 9.00 1.54 10.98
CA TYR A 18 10.38 1.06 11.13
C TYR A 18 11.37 2.21 11.04
N LYS A 19 12.58 2.00 11.56
CA LYS A 19 13.61 3.06 11.58
C LYS A 19 14.06 3.47 10.17
N SER A 20 14.01 2.54 9.23
CA SER A 20 14.27 2.80 7.82
C SER A 20 13.19 3.61 7.08
N GLY A 21 12.08 3.92 7.73
CA GLY A 21 10.94 4.62 7.10
C GLY A 21 9.88 3.73 6.45
N HIS A 22 10.14 2.42 6.37
CA HIS A 22 9.12 1.47 5.96
C HIS A 22 7.98 1.50 6.97
N ILE A 23 6.79 1.15 6.49
CA ILE A 23 5.57 1.09 7.29
C ILE A 23 4.86 -0.26 7.03
N LYS A 24 4.57 -1.01 8.10
CA LYS A 24 3.68 -2.17 7.99
C LYS A 24 2.27 -1.73 8.35
N VAL A 25 1.37 -1.98 7.41
CA VAL A 25 -0.04 -1.73 7.59
C VAL A 25 -0.67 -3.12 7.75
N SER A 26 -1.26 -3.38 8.92
CA SER A 26 -1.70 -4.72 9.28
C SER A 26 -3.20 -4.86 9.20
N ASN A 27 -3.66 -6.05 8.80
CA ASN A 27 -5.07 -6.41 8.91
C ASN A 27 -5.96 -5.47 8.12
N VAL A 28 -5.68 -5.40 6.83
CA VAL A 28 -6.40 -4.54 5.90
C VAL A 28 -6.93 -5.41 4.77
N ARG A 29 -7.99 -4.95 4.12
CA ARG A 29 -8.63 -5.70 3.07
C ARG A 29 -8.03 -5.36 1.71
N CYS A 30 -7.78 -6.39 0.91
CA CYS A 30 -7.10 -6.25 -0.35
C CYS A 30 -8.17 -6.04 -1.47
N SER A 31 -7.89 -5.17 -2.46
CA SER A 31 -8.61 -5.16 -3.73
C SER A 31 -7.67 -4.94 -4.89
N TYR A 32 -8.12 -5.37 -6.07
CA TYR A 32 -7.34 -5.22 -7.28
C TYR A 32 -5.85 -5.62 -7.18
N PRO A 33 -5.56 -6.83 -6.64
CA PRO A 33 -4.16 -7.27 -6.65
C PRO A 33 -3.62 -7.49 -8.07
N HIS A 34 -2.38 -7.03 -8.30
CA HIS A 34 -1.64 -7.34 -9.51
C HIS A 34 -0.28 -7.76 -8.99
N LEU A 35 -0.28 -8.96 -8.43
CA LEU A 35 0.93 -9.57 -7.86
C LEU A 35 1.43 -10.74 -8.67
N ASP A 36 0.53 -11.39 -9.41
CA ASP A 36 0.90 -12.50 -10.29
C ASP A 36 1.64 -12.03 -11.57
N LYS A 37 1.19 -10.89 -12.11
CA LYS A 37 1.70 -10.28 -13.32
C LYS A 37 1.58 -8.77 -13.07
N PRO A 38 2.53 -7.97 -13.61
CA PRO A 38 2.46 -6.54 -13.44
C PRO A 38 1.39 -5.92 -14.31
N TYR A 39 0.91 -4.76 -13.89
CA TYR A 39 -0.20 -4.07 -14.53
C TYR A 39 0.27 -2.74 -15.06
N GLY A 40 -0.42 -2.30 -16.11
CA GLY A 40 -0.27 -0.94 -16.60
C GLY A 40 0.78 -0.97 -17.66
N GLY A 41 1.13 0.20 -18.17
CA GLY A 41 2.00 0.27 -19.33
C GLY A 41 1.43 -0.33 -20.59
N GLU A 42 0.15 -0.05 -20.82
CA GLU A 42 -0.47 -0.25 -22.13
C GLU A 42 -0.24 1.05 -22.93
N ASP A 43 -0.21 2.19 -22.21
CA ASP A 43 -0.32 3.52 -22.80
C ASP A 43 0.79 4.47 -22.33
N GLY A 44 2.04 3.99 -22.40
CA GLY A 44 3.21 4.84 -22.14
C GLY A 44 4.03 4.48 -20.92
N GLY A 45 3.35 4.22 -19.79
CA GLY A 45 4.01 3.89 -18.52
C GLY A 45 4.58 2.48 -18.53
N GLU A 46 5.48 2.20 -17.61
CA GLU A 46 6.07 0.87 -17.52
C GLU A 46 5.21 0.01 -16.57
N PRO A 47 5.14 -1.29 -16.81
CA PRO A 47 4.29 -2.14 -15.96
C PRO A 47 4.84 -2.26 -14.53
N LYS A 48 3.96 -2.26 -13.54
CA LYS A 48 4.34 -2.46 -12.14
C LYS A 48 3.36 -3.42 -11.43
N TYR A 49 3.87 -4.13 -10.44
CA TYR A 49 3.05 -4.89 -9.50
C TYR A 49 2.35 -3.89 -8.60
N SER A 50 1.15 -4.23 -8.14
CA SER A 50 0.41 -3.30 -7.29
C SER A 50 -0.66 -3.99 -6.47
N ILE A 51 -1.23 -3.23 -5.54
CA ILE A 51 -2.36 -3.64 -4.74
C ILE A 51 -3.05 -2.40 -4.19
N THR A 52 -4.35 -2.52 -3.91
CA THR A 52 -5.07 -1.56 -3.11
C THR A 52 -5.38 -2.18 -1.77
N LEU A 53 -5.16 -1.41 -0.72
CA LEU A 53 -5.42 -1.80 0.65
C LEU A 53 -6.54 -0.94 1.22
N LEU A 54 -7.53 -1.58 1.81
CA LEU A 54 -8.69 -0.91 2.40
C LEU A 54 -8.55 -0.97 3.91
N MET A 55 -8.36 0.21 4.52
CA MET A 55 -8.05 0.35 5.92
CA MET A 55 -8.09 0.32 5.97
C MET A 55 -9.32 0.89 6.69
N PRO A 56 -10.01 0.02 7.47
CA PRO A 56 -11.19 0.54 8.17
C PRO A 56 -10.92 1.75 9.07
N LYS A 57 -11.68 2.83 8.89
CA LYS A 57 -11.43 4.07 9.62
C LYS A 57 -11.62 3.89 11.14
N ASP A 58 -12.55 3.00 11.52
CA ASP A 58 -12.87 2.81 12.93
CA ASP A 58 -12.89 2.78 12.93
C ASP A 58 -11.76 2.09 13.71
N THR A 59 -10.93 1.30 13.03
CA THR A 59 -9.92 0.49 13.73
C THR A 59 -8.46 0.86 13.44
N HIS A 60 -8.23 1.66 12.39
CA HIS A 60 -6.89 1.93 11.90
C HIS A 60 -6.50 3.41 12.00
N GLY A 61 -7.11 4.16 12.91
CA GLY A 61 -6.77 5.58 13.08
C GLY A 61 -5.32 5.84 13.50
N ALA A 62 -4.75 4.98 14.37
CA ALA A 62 -3.36 5.16 14.81
C ALA A 62 -2.32 4.98 13.68
N ILE A 63 -2.53 3.97 12.84
CA ILE A 63 -1.61 3.68 11.75
C ILE A 63 -1.82 4.73 10.63
N LYS A 64 -3.07 5.18 10.46
CA LYS A 64 -3.37 6.33 9.56
C LYS A 64 -2.58 7.58 9.94
N LYS A 65 -2.50 7.84 11.25
CA LYS A 65 -1.76 9.02 11.75
C LYS A 65 -0.27 8.89 11.44
N ILE A 66 0.28 7.70 11.63
CA ILE A 66 1.66 7.44 11.25
C ILE A 66 1.88 7.67 9.75
N ILE A 67 0.96 7.17 8.93
CA ILE A 67 1.07 7.37 7.48
C ILE A 67 1.11 8.88 7.14
N ASP A 68 0.21 9.64 7.74
CA ASP A 68 0.19 11.10 7.52
C ASP A 68 1.49 11.78 7.94
N GLU A 69 1.99 11.43 9.12
CA GLU A 69 3.27 11.94 9.60
C GLU A 69 4.41 11.63 8.63
N GLN A 70 4.44 10.37 8.15
CA GLN A 70 5.48 9.95 7.22
C GLN A 70 5.34 10.61 5.84
N ILE A 71 4.10 10.85 5.42
CA ILE A 71 3.87 11.64 4.19
C ILE A 71 4.51 13.04 4.33
N GLU A 72 4.26 13.70 5.45
CA GLU A 72 4.84 15.02 5.72
C GLU A 72 6.37 14.96 5.75
N LEU A 73 6.92 13.94 6.40
CA LEU A 73 8.37 13.76 6.47
CA LEU A 73 8.38 13.80 6.45
C LEU A 73 8.97 13.55 5.06
N THR A 74 8.28 12.79 4.24
CA THR A 74 8.72 12.51 2.87
C THR A 74 8.70 13.79 1.99
N LYS A 75 7.68 14.62 2.15
CA LYS A 75 7.64 15.92 1.50
C LYS A 75 8.82 16.78 1.92
N LYS A 76 9.03 16.87 3.24
CA LYS A 76 10.04 17.76 3.82
C LYS A 76 11.44 17.33 3.37
N ASN A 77 11.67 16.01 3.27
CA ASN A 77 12.98 15.44 2.95
C ASN A 77 13.27 15.17 1.47
N HIS A 78 12.40 15.65 0.58
CA HIS A 78 12.57 15.44 -0.84
C HIS A 78 13.94 15.98 -1.29
N LYS A 79 14.62 15.16 -2.10
CA LYS A 79 16.05 15.37 -2.39
C LYS A 79 16.38 16.72 -3.05
N THR A 80 15.45 17.29 -3.79
CA THR A 80 15.68 18.60 -4.45
C THR A 80 15.21 19.80 -3.61
N GLY A 81 14.70 19.53 -2.41
CA GLY A 81 14.12 20.55 -1.56
C GLY A 81 12.71 20.19 -1.22
N ALA A 82 12.19 20.79 -0.16
CA ALA A 82 10.84 20.47 0.33
C ALA A 82 9.81 20.55 -0.79
N LEU A 83 8.94 19.54 -0.86
CA LEU A 83 7.99 19.37 -1.94
C LEU A 83 6.56 19.70 -1.50
N LYS A 84 5.87 20.54 -2.28
CA LYS A 84 4.45 20.83 -2.09
C LYS A 84 3.65 19.84 -2.93
N VAL A 85 2.76 19.10 -2.26
CA VAL A 85 1.95 18.08 -2.92
C VAL A 85 0.48 18.26 -2.52
N ALA A 86 -0.41 18.24 -3.50
CA ALA A 86 -1.86 18.37 -3.26
C ALA A 86 -2.40 17.12 -2.57
N PRO A 87 -3.42 17.27 -1.71
CA PRO A 87 -3.93 16.08 -1.00
C PRO A 87 -4.58 15.02 -1.92
N SER A 88 -4.96 15.40 -3.14
CA SER A 88 -5.44 14.45 -4.16
C SER A 88 -4.34 13.66 -4.89
N MET A 89 -3.08 13.96 -4.58
CA MET A 89 -1.93 13.39 -5.29
CA MET A 89 -1.93 13.38 -5.29
C MET A 89 -1.08 12.55 -4.33
N LEU A 90 -1.74 11.90 -3.37
CA LEU A 90 -1.10 11.02 -2.41
C LEU A 90 -1.53 9.56 -2.64
N PHE A 91 -0.75 8.64 -2.09
CA PHE A 91 -1.11 7.20 -2.17
C PHE A 91 -2.31 6.78 -1.31
N ILE A 92 -2.75 7.68 -0.44
CA ILE A 92 -3.90 7.45 0.44
C ILE A 92 -5.05 8.36 0.02
N LYS A 93 -6.24 7.75 -0.09
CA LYS A 93 -7.48 8.41 -0.47
C LYS A 93 -8.54 8.05 0.57
N ASP A 94 -9.63 8.81 0.52
CA ASP A 94 -10.75 8.66 1.44
C ASP A 94 -11.87 7.94 0.71
N GLY A 95 -12.17 6.72 1.13
CA GLY A 95 -13.19 5.94 0.43
C GLY A 95 -14.56 6.57 0.34
N ASP A 96 -14.94 7.26 1.40
CA ASP A 96 -16.27 7.93 1.49
C ASP A 96 -16.40 9.21 0.63
N VAL A 97 -15.27 9.80 0.24
CA VAL A 97 -15.24 10.97 -0.65
C VAL A 97 -14.93 10.62 -2.10
N ASP A 98 -13.88 9.83 -2.28
CA ASP A 98 -13.29 9.51 -3.60
C ASP A 98 -13.99 8.35 -4.31
N PHE A 99 -14.60 7.44 -3.56
CA PHE A 99 -15.26 6.26 -4.14
C PHE A 99 -16.63 5.98 -3.51
N PRO A 100 -17.50 7.01 -3.45
CA PRO A 100 -18.78 6.89 -2.74
C PRO A 100 -19.74 5.81 -3.30
N ASP A 101 -19.62 5.50 -4.59
CA ASP A 101 -20.45 4.48 -5.25
C ASP A 101 -19.88 3.05 -5.09
N LYS A 102 -18.70 2.87 -4.47
CA LYS A 102 -18.11 1.55 -4.29
C LYS A 102 -18.36 1.06 -2.86
N PRO A 103 -19.30 0.10 -2.67
CA PRO A 103 -19.65 -0.32 -1.30
C PRO A 103 -18.46 -0.83 -0.47
N GLU A 104 -17.51 -1.47 -1.12
CA GLU A 104 -16.34 -2.02 -0.41
C GLU A 104 -15.42 -0.93 0.17
N CYS A 105 -15.53 0.30 -0.35
CA CYS A 105 -14.75 1.46 0.12
C CYS A 105 -15.43 2.27 1.26
N GLU A 106 -16.67 1.91 1.60
CA GLU A 106 -17.42 2.64 2.61
C GLU A 106 -16.68 2.51 3.95
N GLY A 107 -16.44 3.65 4.58
CA GLY A 107 -15.73 3.70 5.83
C GLY A 107 -14.29 3.25 5.79
N MET A 108 -13.66 3.35 4.63
CA MET A 108 -12.26 2.94 4.45
C MET A 108 -11.34 4.06 4.01
N TRP A 109 -10.11 4.04 4.55
CA TRP A 109 -8.96 4.69 3.87
C TRP A 109 -8.52 3.73 2.77
N VAL A 110 -8.13 4.30 1.64
CA VAL A 110 -7.80 3.53 0.43
C VAL A 110 -6.35 3.84 0.06
N ILE A 111 -5.50 2.81 0.14
CA ILE A 111 -4.05 2.92 -0.13
C ILE A 111 -3.68 2.18 -1.40
N SER A 112 -2.93 2.86 -2.29
CA SER A 112 -2.44 2.31 -3.53
C SER A 112 -0.93 2.18 -3.36
N ALA A 113 -0.37 0.99 -3.57
CA ALA A 113 1.08 0.83 -3.55
C ALA A 113 1.52 0.02 -4.74
N ARG A 114 2.69 0.36 -5.31
CA ARG A 114 3.18 -0.24 -6.56
CA ARG A 114 3.17 -0.28 -6.55
C ARG A 114 4.68 -0.51 -6.46
N GLU A 115 5.19 -1.40 -7.32
CA GLU A 115 6.64 -1.60 -7.40
C GLU A 115 6.99 -2.33 -8.71
N SER A 116 8.12 -1.94 -9.29
CA SER A 116 8.67 -2.66 -10.44
CA SER A 116 8.69 -2.65 -10.44
C SER A 116 9.22 -4.04 -10.07
N THR A 117 9.74 -4.18 -8.86
CA THR A 117 10.27 -5.44 -8.36
C THR A 117 9.10 -6.16 -7.71
N ARG A 118 8.86 -7.43 -8.03
CA ARG A 118 7.73 -8.12 -7.43
CA ARG A 118 7.73 -8.14 -7.43
C ARG A 118 7.88 -8.15 -5.91
N PRO A 119 6.82 -7.74 -5.17
CA PRO A 119 6.95 -7.82 -3.72
C PRO A 119 7.02 -9.27 -3.23
N ASP A 120 7.52 -9.48 -2.03
CA ASP A 120 7.39 -10.78 -1.38
C ASP A 120 5.90 -11.07 -1.18
N VAL A 121 5.48 -12.28 -1.51
CA VAL A 121 4.08 -12.72 -1.32
C VAL A 121 4.09 -13.97 -0.44
N LEU A 122 3.53 -13.84 0.76
CA LEU A 122 3.56 -14.89 1.78
C LEU A 122 2.13 -15.42 2.04
N ASN A 123 2.00 -16.75 2.14
CA ASN A 123 0.76 -17.37 2.64
C ASN A 123 0.65 -17.27 4.16
N MET A 124 -0.43 -17.79 4.74
CA MET A 124 -0.60 -17.70 6.20
C MET A 124 0.48 -18.39 7.02
N GLU A 125 1.13 -19.39 6.43
CA GLU A 125 2.23 -20.08 7.10
C GLU A 125 3.55 -19.32 6.91
N ARG A 126 3.49 -18.08 6.41
CA ARG A 126 4.67 -17.26 6.08
C ARG A 126 5.64 -17.90 5.05
N GLU A 127 5.13 -18.76 4.17
CA GLU A 127 5.91 -19.31 3.07
C GLU A 127 5.89 -18.34 1.91
N GLU A 128 7.07 -18.06 1.35
CA GLU A 128 7.17 -17.17 0.22
C GLU A 128 6.76 -17.90 -1.08
N LEU A 129 5.78 -17.36 -1.79
CA LEU A 129 5.28 -17.93 -3.05
C LEU A 129 6.03 -17.38 -4.28
N GLU A 130 6.20 -18.22 -5.31
CA GLU A 130 6.95 -17.87 -6.53
C GLU A 130 6.23 -17.93 -7.87
N SER A 131 5.27 -18.84 -8.04
CA SER A 131 4.62 -19.02 -9.33
C SER A 131 3.46 -18.06 -9.39
N PRO A 132 3.23 -17.44 -10.56
CA PRO A 132 2.09 -16.55 -10.72
C PRO A 132 0.77 -17.16 -10.34
N ASN A 133 0.51 -18.42 -10.71
CA ASN A 133 -0.78 -19.04 -10.37
C ASN A 133 -1.01 -19.18 -8.88
N GLU A 134 0.02 -19.60 -8.15
CA GLU A 134 -0.12 -19.75 -6.73
C GLU A 134 -0.31 -18.37 -6.02
N ILE A 135 0.40 -17.35 -6.52
CA ILE A 135 0.20 -15.97 -6.03
C ILE A 135 -1.22 -15.43 -6.26
N ALA A 136 -1.76 -15.67 -7.45
CA ALA A 136 -3.13 -15.25 -7.80
C ALA A 136 -4.16 -15.96 -6.93
N GLU A 137 -3.96 -17.25 -6.67
CA GLU A 137 -4.89 -18.00 -5.81
C GLU A 137 -4.83 -17.57 -4.36
N GLU A 138 -3.63 -17.29 -3.86
CA GLU A 138 -3.47 -16.92 -2.45
C GLU A 138 -4.05 -15.53 -2.09
N ILE A 139 -3.73 -14.51 -2.88
CA ILE A 139 -4.10 -13.12 -2.57
C ILE A 139 -5.14 -12.68 -3.61
N TYR A 140 -6.41 -12.81 -3.22
CA TYR A 140 -7.52 -12.52 -4.08
C TYR A 140 -8.20 -11.28 -3.50
N GLY A 141 -8.79 -10.49 -4.39
CA GLY A 141 -9.53 -9.29 -3.97
C GLY A 141 -10.64 -9.71 -3.02
N GLY A 142 -10.64 -9.13 -1.83
CA GLY A 142 -11.57 -9.46 -0.75
C GLY A 142 -10.94 -10.13 0.44
N CYS A 143 -9.75 -10.70 0.28
CA CYS A 143 -9.04 -11.25 1.43
C CYS A 143 -8.42 -10.12 2.24
N TRP A 144 -7.92 -10.45 3.42
CA TRP A 144 -7.22 -9.53 4.31
C TRP A 144 -5.74 -9.89 4.38
N VAL A 145 -4.90 -8.85 4.41
CA VAL A 145 -3.47 -8.95 4.36
C VAL A 145 -2.85 -8.01 5.37
N SER A 146 -1.52 -8.16 5.51
CA SER A 146 -0.67 -7.15 6.12
C SER A 146 0.38 -6.85 5.06
N SER A 147 0.76 -5.57 4.92
CA SER A 147 1.68 -5.20 3.85
C SER A 147 2.72 -4.21 4.32
N VAL A 148 3.97 -4.41 3.88
CA VAL A 148 5.04 -3.44 4.09
C VAL A 148 5.14 -2.51 2.87
N ILE A 149 5.00 -1.21 3.13
CA ILE A 149 5.14 -0.17 2.09
C ILE A 149 6.20 0.86 2.50
N ARG A 150 6.58 1.75 1.58
CA ARG A 150 7.43 2.89 1.97
CA ARG A 150 7.48 2.88 1.94
C ARG A 150 7.12 4.06 1.07
N PRO A 151 6.81 5.24 1.68
CA PRO A 151 6.53 6.37 0.85
C PRO A 151 7.74 6.84 0.05
N TRP A 152 7.48 7.46 -1.10
CA TRP A 152 8.51 8.15 -1.89
C TRP A 152 7.94 9.35 -2.60
N SER A 153 8.81 10.30 -2.90
CA SER A 153 8.39 11.57 -3.46
C SER A 153 8.69 11.65 -4.95
N GLN A 154 7.65 11.96 -5.71
CA GLN A 154 7.71 12.11 -7.15
C GLN A 154 7.68 13.59 -7.52
N GLU A 155 8.67 14.02 -8.28
CA GLU A 155 8.70 15.35 -8.87
C GLU A 155 9.27 15.18 -10.27
N ASN A 156 8.38 15.10 -11.25
CA ASN A 156 8.84 14.83 -12.61
C ASN A 156 7.96 15.52 -13.62
N LYS A 157 8.14 15.19 -14.90
CA LYS A 157 7.33 15.81 -15.96
C LYS A 157 5.81 15.65 -15.79
N TYR A 158 5.36 14.60 -15.08
CA TYR A 158 3.95 14.29 -14.91
C TYR A 158 3.33 14.85 -13.63
N GLY A 159 4.15 15.44 -12.77
CA GLY A 159 3.63 16.14 -11.60
C GLY A 159 4.35 15.75 -10.33
N LYS A 160 3.74 16.15 -9.23
CA LYS A 160 4.29 16.02 -7.90
C LYS A 160 3.32 15.14 -7.09
N ARG A 161 3.84 14.07 -6.51
CA ARG A 161 3.03 13.10 -5.74
C ARG A 161 3.84 12.56 -4.59
N ILE A 162 3.15 12.02 -3.60
CA ILE A 162 3.78 11.11 -2.63
C ILE A 162 3.15 9.76 -2.91
N ASN A 163 3.97 8.83 -3.37
CA ASN A 163 3.55 7.49 -3.76
C ASN A 163 4.04 6.49 -2.71
N ALA A 164 3.66 5.22 -2.87
CA ALA A 164 4.12 4.17 -1.95
C ALA A 164 4.69 2.98 -2.73
N ASN A 165 5.93 2.63 -2.40
CA ASN A 165 6.54 1.39 -2.82
C ASN A 165 5.87 0.24 -2.07
N LEU A 166 5.59 -0.84 -2.81
CA LEU A 166 5.04 -2.09 -2.26
C LEU A 166 6.16 -3.15 -2.12
N LEU A 167 6.50 -3.49 -0.87
CA LEU A 167 7.57 -4.42 -0.57
C LEU A 167 7.12 -5.85 -0.25
N SER A 168 6.01 -6.02 0.47
CA SER A 168 5.60 -7.36 0.88
C SER A 168 4.10 -7.39 1.08
N VAL A 169 3.50 -8.54 0.79
CA VAL A 169 2.09 -8.81 1.10
C VAL A 169 1.99 -10.17 1.80
N LEU A 170 1.45 -10.17 3.01
CA LEU A 170 1.22 -11.38 3.83
C LEU A 170 -0.28 -11.66 3.94
N LYS A 171 -0.71 -12.86 3.58
CA LYS A 171 -2.09 -13.28 3.79
C LYS A 171 -2.36 -13.34 5.28
N ARG A 172 -3.49 -12.75 5.68
CA ARG A 172 -3.92 -12.69 7.07
C ARG A 172 -5.24 -13.42 7.31
N LYS A 173 -6.24 -13.13 6.48
CA LYS A 173 -7.59 -13.74 6.61
C LYS A 173 -8.21 -14.02 5.28
N ASP A 174 -8.93 -15.14 5.18
CA ASP A 174 -9.81 -15.37 4.05
C ASP A 174 -11.14 -14.68 4.33
N ASP A 175 -11.82 -14.28 3.27
CA ASP A 175 -13.12 -13.62 3.35
C ASP A 175 -13.80 -13.75 2.01
N GLU A 176 -15.05 -13.26 1.92
CA GLU A 176 -15.81 -13.28 0.66
C GLU A 176 -15.04 -12.54 -0.44
N PRO A 177 -14.82 -13.18 -1.60
CA PRO A 177 -14.10 -12.50 -2.67
C PRO A 177 -14.95 -11.40 -3.30
N PHE A 178 -14.28 -10.32 -3.71
CA PHE A 178 -14.95 -9.26 -4.48
C PHE A 178 -15.25 -9.70 -5.92
N GLY A 179 -14.39 -10.55 -6.50
CA GLY A 179 -14.59 -11.03 -7.88
C GLY A 179 -13.97 -10.12 -8.91
#